data_4FRN
#
_entry.id   4FRN
#
_cell.length_a   55.605
_cell.length_b   81.833
_cell.length_c   147.722
_cell.angle_alpha   90.000
_cell.angle_beta   90.000
_cell.angle_gamma   90.000
#
_symmetry.space_group_name_H-M   'P 21 21 21'
#
loop_
_entity.id
_entity.type
_entity.pdbx_description
1 polymer 'Cobalamin riboswitch aptamer domain'
2 non-polymer Hydroxocobalamin
3 non-polymer 'BARIUM ION'
#
_entity_poly.entity_id   1
_entity_poly.type   'polyribonucleotide'
_entity_poly.pdbx_seq_one_letter_code
;GGGCUAAAAGCAUGGUGGGAAAGUGACGUGUAAUUCGUCCACAUUACUUGAUACGGUUAUACUCCGAAUGCCACCUAGCC
CAAAGUAGAGCAAGGAGACUCA
;
_entity_poly.pdbx_strand_id   A,B
#
loop_
_chem_comp.id
_chem_comp.type
_chem_comp.name
_chem_comp.formula
A RNA linking ADENOSINE-5'-MONOPHOSPHATE 'C10 H14 N5 O7 P'
BA non-polymer 'BARIUM ION' 'Ba 2'
C RNA linking CYTIDINE-5'-MONOPHOSPHATE 'C9 H14 N3 O8 P'
G RNA linking GUANOSINE-5'-MONOPHOSPHATE 'C10 H14 N5 O8 P'
I2A non-polymer Hydroxocobalamin 'C62 H88 Co N13 O15 P'
U RNA linking URIDINE-5'-MONOPHOSPHATE 'C9 H13 N2 O9 P'
#
# COMPACT_ATOMS: atom_id res chain seq x y z
CO I2A C . 17.30 4.06 10.34
C20 I2A C . 16.58 7.39 11.35
C25 I2A C . 13.57 8.58 7.54
C26 I2A C . 12.11 8.45 7.50
C27 I2A C . 15.98 4.79 6.24
C30 I2A C . 15.19 -0.11 6.48
C31 I2A C . 13.06 1.57 9.87
C32 I2A C . 12.96 0.81 11.20
C35 I2A C . 18.06 -0.88 12.24
C36 I2A C . 18.78 1.58 14.33
C37 I2A C . 18.88 0.48 15.37
C38 I2A C . 20.27 -0.01 15.63
C41 I2A C . 21.10 6.47 13.30
C42 I2A C . 20.15 6.19 14.47
C43 I2A C . 20.87 6.27 15.81
C10 I2A C . 16.45 0.96 10.45
C11 I2A C . 17.54 1.31 11.21
C12 I2A C . 18.59 0.33 11.81
C46 I2A C . 21.43 7.73 17.74
C47 I2A C . 20.48 7.62 18.89
C13 I2A C . 19.22 1.29 12.89
C48 I2A C . 21.00 8.44 20.09
C49 I2A C . 15.69 4.45 15.54
C50 I2A C . 16.13 5.78 16.15
C14 I2A C . 19.15 2.60 12.10
C15 I2A C . 20.15 3.55 12.05
C53 I2A C . 17.48 2.97 18.14
C16 I2A C . 19.82 4.90 11.60
C17 I2A C . 20.65 6.21 11.84
C54 I2A C . 16.52 4.25 13.17
C55 I2A C . 13.74 4.79 11.09
C56 I2A C . 12.42 5.03 11.48
C57 I2A C . 12.10 5.11 12.87
C18 I2A C . 19.64 7.30 11.37
C60 I2A C . 14.73 4.56 12.02
C61 I2A C . 11.39 5.22 10.38
C19 I2A C . 18.71 6.53 10.40
P I2A C . 17.84 7.49 18.68
N01 I2A C . 16.69 5.64 9.53
N02 I2A C . 15.96 3.05 9.43
N03 I2A C . 18.05 2.56 11.25
N04 I2A C . 18.74 5.14 10.90
N05 I2A C . 18.27 7.30 5.33
N06 I2A C . 11.69 8.07 6.36
N07 I2A C . 14.64 -0.33 5.33
N08 I2A C . 12.69 1.61 13.35
N09 I2A C . 20.85 0.44 16.69
N10 I2A C . 20.81 7.41 16.43
N11 I2A C . 19.15 10.79 11.38
N12 I2A C . 15.55 4.44 14.10
N I2A C . 16.09 4.29 11.92
C01 I2A C . 17.27 6.95 10.04
C02 I2A C . 16.96 7.90 8.79
C03 I2A C . 15.65 7.21 8.20
C04 I2A C . 15.87 5.75 8.55
C05 I2A C . 15.52 4.65 7.69
C06 I2A C . 15.31 3.42 8.25
C07 I2A C . 14.52 2.17 7.72
C08 I2A C . 14.36 1.38 9.07
C09 I2A C . 15.58 1.83 9.84
C21 I2A C . 16.86 9.39 9.13
C22 I2A C . 18.08 7.78 7.68
C23 I2A C . 17.77 8.15 6.25
C24 I2A C . 14.21 7.65 8.57
C28 I2A C . 13.23 2.38 6.97
C29 I2A C . 15.54 1.33 6.83
C33 I2A C . 12.14 1.38 12.26
C34 I2A C . 19.63 -0.17 10.75
C39 I2A C . 21.54 2.99 12.04
C40 I2A C . 21.91 6.17 10.98
C44 I2A C . 20.15 8.66 10.85
C45 I2A C . 19.90 9.84 11.79
C51 I2A C . 16.93 5.34 17.38
C52 I2A C . 17.45 3.96 17.01
C58 I2A C . 13.06 4.93 13.81
C59 I2A C . 14.37 4.67 13.38
C I2A C . 10.68 5.40 13.35
O01 I2A C . 18.41 3.69 8.83
O02 I2A C . 17.12 9.12 5.85
O03 I2A C . 11.38 8.73 8.53
O04 I2A C . 15.48 -1.00 7.29
O05 I2A C . 10.86 1.62 12.06
O06 I2A C . 20.81 -0.81 14.84
O07 I2A C . 21.46 5.24 16.22
O08 I2A C . 20.45 9.85 12.91
O09 I2A C . 18.02 6.25 17.67
O10 I2A C . 19.22 8.20 18.48
O11 I2A C . 17.65 6.98 20.06
O12 I2A C . 16.88 8.50 18.14
O13 I2A C . 16.64 3.47 15.95
O14 I2A C . 16.87 6.55 15.26
O I2A C . 18.74 2.97 18.79
BA BA D . 16.74 20.46 12.98
BA BA E . 8.33 9.88 16.26
BA BA F . 29.24 11.90 17.44
BA BA G . 31.12 6.85 13.17
BA BA H . 12.25 -14.22 15.21
BA BA I . 17.72 -18.98 16.09
CO I2A J . -16.90 -5.19 -14.01
C20 I2A J . -17.62 -1.85 -12.98
C25 I2A J . -20.66 -0.77 -16.86
C26 I2A J . -22.12 -0.85 -16.78
C27 I2A J . -18.13 -4.45 -18.10
C30 I2A J . -18.97 -9.35 -17.87
C31 I2A J . -21.20 -7.61 -14.55
C32 I2A J . -21.40 -8.42 -13.25
C35 I2A J . -16.19 -10.14 -12.13
C36 I2A J . -15.26 -7.78 -10.04
C37 I2A J . -14.76 -8.83 -9.05
C38 I2A J . -13.31 -9.12 -9.12
C41 I2A J . -13.10 -2.82 -11.02
C42 I2A J . -14.05 -3.08 -9.85
C43 I2A J . -13.36 -2.87 -8.50
C10 I2A J . -17.87 -8.24 -13.78
C11 I2A J . -16.72 -7.92 -13.11
C12 I2A J . -15.66 -8.92 -12.59
C46 I2A J . -12.85 -1.25 -6.70
C47 I2A J . -13.77 -1.36 -5.53
C13 I2A J . -14.95 -8.00 -11.53
C48 I2A J . -13.21 -0.56 -4.33
C49 I2A J . -18.37 -4.82 -8.79
C50 I2A J . -18.02 -3.45 -8.20
C14 I2A J . -15.05 -6.67 -12.27
C15 I2A J . -14.06 -5.71 -12.32
C53 I2A J . -15.98 -6.05 -6.47
C16 I2A J . -14.37 -4.35 -12.75
C17 I2A J . -13.56 -3.05 -12.49
C54 I2A J . -17.62 -5.01 -11.18
C55 I2A J . -20.45 -4.43 -13.19
C56 I2A J . -21.75 -4.18 -12.76
C57 I2A J . -22.02 -4.10 -11.36
C18 I2A J . -14.59 -1.95 -12.93
C60 I2A J . -19.43 -4.68 -12.28
C61 I2A J . -22.80 -3.97 -13.83
C19 I2A J . -15.49 -2.70 -13.93
P I2A J . -16.38 -1.58 -5.77
N01 I2A J . -17.50 -3.60 -14.81
N02 I2A J . -18.25 -6.18 -14.91
N03 I2A J . -16.15 -6.70 -13.12
N04 I2A J . -15.46 -4.10 -13.46
N05 I2A J . -15.88 -1.89 -19.00
N06 I2A J . -22.64 0.17 -16.21
N07 I2A J . -19.42 -9.54 -19.08
N08 I2A J . -20.96 -7.66 -11.13
N09 I2A J . -12.51 -8.34 -8.46
N10 I2A J . -13.44 -1.68 -7.98
N11 I2A J . -15.05 1.63 -13.04
N12 I2A J . -18.57 -4.82 -10.23
N I2A J . -18.07 -4.96 -12.42
C01 I2A J . -16.94 -2.29 -14.29
C02 I2A J . -17.24 -1.33 -15.54
C03 I2A J . -18.54 -2.03 -16.12
C04 I2A J . -18.34 -3.48 -15.78
C05 I2A J . -18.66 -4.58 -16.66
C06 I2A J . -18.88 -5.82 -16.10
C07 I2A J . -19.65 -7.06 -16.64
C08 I2A J . -19.87 -7.83 -15.28
C09 I2A J . -18.67 -7.38 -14.47
C21 I2A J . -17.35 0.16 -15.20
C22 I2A J . -16.12 -1.45 -16.65
C23 I2A J . -16.45 -1.08 -18.08
C24 I2A J . -19.98 -1.60 -15.76
C28 I2A J . -20.91 -6.87 -17.45
C29 I2A J . -18.61 -7.93 -17.47
C33 I2A J . -21.78 -7.72 -12.05
C34 I2A J . -14.70 -9.43 -13.72
C39 I2A J . -12.66 -6.27 -12.37
C40 I2A J . -12.30 -3.05 -13.36
C44 I2A J . -14.09 -0.56 -13.36
C45 I2A J . -14.56 0.60 -12.47
C51 I2A J . -17.08 -3.82 -7.04
C52 I2A J . -16.41 -5.09 -7.53
C58 I2A J . -21.05 -4.29 -10.45
C59 I2A J . -19.75 -4.57 -10.91
C I2A J . -23.44 -3.81 -10.85
O01 I2A J . -15.80 -5.55 -15.53
O02 I2A J . -17.13 -0.15 -18.48
O03 I2A J . -22.76 -1.86 -17.27
O04 I2A J . -18.83 -10.26 -17.05
O05 I2A J . -22.97 -7.15 -11.95
O06 I2A J . -12.90 -10.08 -9.81
O07 I2A J . -12.77 -3.85 -7.99
O08 I2A J . -14.42 0.52 -11.22
O09 I2A J . -16.11 -2.78 -6.78
O10 I2A J . -15.04 -0.79 -5.90
O11 I2A J . -16.60 -2.12 -4.39
O12 I2A J . -17.38 -0.60 -6.32
O13 I2A J . -17.32 -5.71 -8.43
O14 I2A J . -17.42 -2.61 -9.14
O I2A J . -17.06 -6.71 -5.84
BA BA K . -17.67 11.38 -11.91
BA BA L . -5.18 2.88 -6.99
BA BA M . -2.78 -2.06 -11.34
BA BA N . -25.86 1.00 -8.60
BA BA O . -22.17 -23.63 -9.34
BA BA P . -16.71 -28.35 -8.87
#